data_7D5O
#
_entry.id   7D5O
#
_cell.length_a   41.969
_cell.length_b   63.184
_cell.length_c   73.137
_cell.angle_alpha   100.640
_cell.angle_beta   90.610
_cell.angle_gamma   89.820
#
_symmetry.space_group_name_H-M   'P 1'
#
loop_
_entity.id
_entity.type
_entity.pdbx_description
1 polymer 'Proto-oncogene tyrosine-protein kinase Src'
2 non-polymer 1-[(3S)-3-{4-amino-3-[(3,5-dimethoxyphenyl)ethynyl]-1H-pyrazolo[3,4-d]pyrimidin-1-yl}pyrrolidin-1-yl]prop-2-en-1-one
3 water water
#
_entity_poly.entity_id   1
_entity_poly.type   'polypeptide(L)'
_entity_poly.pdbx_seq_one_letter_code
;GHMQTQGLAKDAWEIPRESLRLEVKLGQGCFGEVWMGTWNGTTRVAIKTLKPGTMSPEAFLQEAQVMKKLRHEKLVQLYA
VVSEEPIYIVTEYMSKGSLLDFLKGEMGKYLRLPQLVDMAAQIASGMAYVERMNYVHRDLRAANILVGENLVCKVADFGL
ARLIEDNEYTARQGAKFPIKWTAPEAALYGRFTIKSDVWSFGILLTELTTKGRVPYPGMVNREVLDQVERGYRMPCPPEC
PESLHDLMCQCWRKDPEERPTFEYLQAFLEDYFTSTEPQYQPGENL
;
_entity_poly.pdbx_strand_id   B,A
#
# COMPACT_ATOMS: atom_id res chain seq x y z
N ASP A 11 18.24 5.01 38.22
CA ASP A 11 17.28 4.78 39.31
C ASP A 11 16.44 6.03 39.57
N ALA A 12 16.98 7.19 39.20
CA ALA A 12 16.18 8.41 39.30
C ALA A 12 15.03 8.41 38.30
N TRP A 13 15.09 7.53 37.29
CA TRP A 13 14.03 7.45 36.30
C TRP A 13 12.87 6.57 36.73
N GLU A 14 13.00 5.91 37.88
CA GLU A 14 12.01 4.93 38.32
C GLU A 14 10.70 5.60 38.71
N ILE A 15 9.59 4.95 38.35
CA ILE A 15 8.27 5.53 38.53
C ILE A 15 7.36 4.47 39.16
N PRO A 16 6.43 4.84 40.01
CA PRO A 16 5.52 3.84 40.58
C PRO A 16 4.53 3.32 39.54
N ARG A 17 4.18 2.03 39.67
CA ARG A 17 3.30 1.39 38.68
C ARG A 17 1.91 2.04 38.67
N GLU A 18 1.50 2.65 39.77
CA GLU A 18 0.17 3.23 39.81
C GLU A 18 0.11 4.58 39.10
N SER A 19 1.27 5.17 38.79
CA SER A 19 1.30 6.47 38.11
C SER A 19 1.01 6.39 36.61
N LEU A 20 0.94 5.19 36.03
CA LEU A 20 0.66 4.98 34.61
C LEU A 20 -0.76 4.48 34.38
N ARG A 21 -1.47 5.11 33.45
CA ARG A 21 -2.73 4.58 32.93
C ARG A 21 -2.52 4.27 31.45
N LEU A 22 -2.70 3.01 31.07
CA LEU A 22 -2.57 2.59 29.67
C LEU A 22 -3.95 2.66 29.03
N GLU A 23 -4.16 3.64 28.15
CA GLU A 23 -5.47 3.94 27.58
C GLU A 23 -5.75 3.26 26.25
N VAL A 24 -4.97 3.57 25.20
CA VAL A 24 -5.18 3.09 23.84
C VAL A 24 -3.96 2.30 23.38
N LYS A 25 -4.18 1.07 22.94
CA LYS A 25 -3.09 0.27 22.40
C LYS A 25 -2.74 0.77 20.99
N LEU A 26 -1.44 0.85 20.67
CA LEU A 26 -1.03 1.37 19.37
C LEU A 26 -0.33 0.34 18.49
N GLY A 27 0.64 -0.42 19.02
CA GLY A 27 1.32 -1.42 18.23
C GLY A 27 1.60 -2.68 19.02
N GLN A 28 2.14 -3.68 18.31
CA GLN A 28 2.54 -4.97 18.88
C GLN A 28 3.92 -5.42 18.36
N GLY A 32 5.66 -7.00 23.49
CA GLY A 32 6.24 -5.90 22.73
C GLY A 32 5.26 -4.86 22.24
N GLU A 33 4.26 -4.54 23.07
CA GLU A 33 3.24 -3.58 22.73
C GLU A 33 3.74 -2.16 22.97
N VAL A 34 2.96 -1.19 22.50
CA VAL A 34 3.16 0.20 22.90
C VAL A 34 1.81 0.88 22.97
N TRP A 35 1.57 1.60 24.07
CA TRP A 35 0.29 2.21 24.34
C TRP A 35 0.40 3.73 24.39
N MET A 36 -0.74 4.37 24.23
CA MET A 36 -0.90 5.79 24.55
C MET A 36 -1.52 5.86 25.94
N GLY A 37 -1.01 6.74 26.79
CA GLY A 37 -1.45 6.70 28.16
C GLY A 37 -1.26 7.99 28.92
N THR A 38 -1.46 7.93 30.24
CA THR A 38 -1.31 9.10 31.09
C THR A 38 -0.36 8.77 32.23
N TRP A 39 0.59 9.65 32.46
CA TRP A 39 1.57 9.52 33.53
C TRP A 39 1.30 10.58 34.58
N ASN A 40 1.22 10.16 35.85
CA ASN A 40 0.80 11.01 36.96
C ASN A 40 -0.56 11.64 36.69
N GLY A 41 -1.41 10.95 35.93
CA GLY A 41 -2.72 11.49 35.56
C GLY A 41 -2.68 12.88 34.98
N THR A 42 -1.49 13.37 34.66
CA THR A 42 -1.26 14.75 34.26
C THR A 42 -0.68 14.90 32.87
N THR A 43 0.06 13.90 32.38
CA THR A 43 0.93 14.02 31.22
C THR A 43 0.56 12.98 30.17
N ARG A 44 0.39 13.41 28.94
CA ARG A 44 0.24 12.48 27.83
C ARG A 44 1.57 11.79 27.58
N VAL A 45 1.57 10.47 27.52
CA VAL A 45 2.81 9.72 27.40
C VAL A 45 2.53 8.50 26.53
N ALA A 46 3.61 7.98 25.97
CA ALA A 46 3.60 6.73 25.22
C ALA A 46 4.30 5.70 26.08
N ILE A 47 3.65 4.55 26.24
CA ILE A 47 4.12 3.48 27.13
C ILE A 47 4.41 2.26 26.28
N LYS A 48 5.65 1.81 26.28
CA LYS A 48 6.03 0.60 25.55
C LYS A 48 6.16 -0.54 26.54
N THR A 49 5.46 -1.64 26.26
CA THR A 49 5.41 -2.80 27.15
C THR A 49 6.35 -3.89 26.65
N LEU A 50 7.14 -4.46 27.56
CA LEU A 50 7.94 -5.65 27.29
C LEU A 50 7.26 -6.85 27.93
N LYS A 51 6.97 -7.90 27.13
CA LYS A 51 6.32 -9.09 27.68
C LYS A 51 7.35 -9.99 28.37
N PRO A 52 6.99 -10.57 29.53
CA PRO A 52 7.91 -11.44 30.29
C PRO A 52 8.43 -12.64 29.48
N THR A 54 11.65 -12.18 27.10
CA THR A 54 12.83 -11.56 26.49
C THR A 54 13.49 -10.56 27.44
N MET A 55 14.81 -10.65 27.61
CA MET A 55 15.53 -9.70 28.47
C MET A 55 14.99 -9.73 29.91
N GLU A 63 18.52 -1.76 30.29
CA GLU A 63 18.42 -1.93 28.85
C GLU A 63 18.66 -0.60 28.08
N ALA A 64 17.91 0.44 28.45
CA ALA A 64 17.98 1.75 27.78
C ALA A 64 18.86 2.71 28.59
N GLN A 65 20.06 2.26 28.91
CA GLN A 65 21.04 3.20 29.41
C GLN A 65 21.34 4.28 28.36
N VAL A 66 21.13 3.96 27.09
CA VAL A 66 21.36 4.94 26.02
C VAL A 66 20.38 6.08 26.16
N MET A 67 19.09 5.77 26.24
CA MET A 67 18.06 6.80 26.28
C MET A 67 18.19 7.70 27.49
N LYS A 68 18.90 7.27 28.54
CA LYS A 68 19.10 8.12 29.71
C LYS A 68 20.23 9.13 29.49
N LYS A 69 21.17 8.87 28.58
CA LYS A 69 22.25 9.78 28.21
C LYS A 69 21.88 10.72 27.06
N LEU A 70 21.40 10.17 25.94
CA LEU A 70 21.10 10.95 24.74
C LEU A 70 19.86 11.82 24.97
N ARG A 71 20.06 13.14 25.04
CA ARG A 71 18.97 14.11 25.15
C ARG A 71 19.13 15.14 24.03
N HIS A 72 18.17 15.18 23.12
CA HIS A 72 18.23 16.11 22.00
C HIS A 72 16.83 16.44 21.47
N GLU A 73 16.68 17.65 20.93
CA GLU A 73 15.40 18.13 20.44
C GLU A 73 14.72 17.13 19.51
N LYS A 74 15.50 16.43 18.69
CA LYS A 74 14.94 15.57 17.65
C LYS A 74 15.18 14.09 17.92
N LEU A 75 15.59 13.76 19.14
CA LEU A 75 15.54 12.41 19.68
C LEU A 75 14.34 12.37 20.61
N VAL A 76 13.44 11.40 20.43
CA VAL A 76 12.28 11.36 21.32
C VAL A 76 12.74 10.94 22.71
N GLN A 77 12.31 11.71 23.73
CA GLN A 77 12.90 11.60 25.07
C GLN A 77 12.27 10.49 25.90
N LEU A 78 13.12 9.78 26.64
CA LEU A 78 12.64 8.96 27.73
C LEU A 78 12.18 9.84 28.88
N TYR A 79 11.04 9.48 29.47
CA TYR A 79 10.47 10.17 30.63
C TYR A 79 10.72 9.42 31.95
N ALA A 80 10.38 8.13 32.01
CA ALA A 80 10.55 7.34 33.22
C ALA A 80 10.65 5.89 32.82
N VAL A 81 10.87 5.03 33.81
CA VAL A 81 10.93 3.59 33.56
C VAL A 81 10.35 2.86 34.77
N VAL A 82 9.99 1.58 34.56
CA VAL A 82 9.85 0.61 35.65
C VAL A 82 10.67 -0.60 35.27
N SER A 83 11.56 -1.02 36.19
CA SER A 83 12.67 -1.89 35.86
C SER A 83 12.35 -3.37 36.04
N GLU A 84 11.56 -3.74 37.04
CA GLU A 84 11.26 -5.13 37.31
C GLU A 84 10.06 -5.58 36.48
N GLU A 85 10.14 -6.80 35.96
CA GLU A 85 9.06 -7.36 35.16
C GLU A 85 7.75 -7.30 35.95
N PRO A 86 6.62 -6.93 35.33
CA PRO A 86 6.53 -6.43 33.94
C PRO A 86 7.19 -5.05 33.73
N ILE A 87 8.06 -4.91 32.73
CA ILE A 87 8.78 -3.67 32.50
C ILE A 87 7.94 -2.74 31.64
N TYR A 88 8.03 -1.44 31.92
CA TYR A 88 7.31 -0.41 31.20
C TYR A 88 8.29 0.73 30.89
N ILE A 89 8.37 1.11 29.61
CA ILE A 89 9.18 2.24 29.15
C ILE A 89 8.24 3.40 28.87
N VAL A 90 8.51 4.55 29.46
CA VAL A 90 7.67 5.74 29.31
C VAL A 90 8.46 6.77 28.52
N THR A 91 7.96 7.14 27.36
CA THR A 91 8.59 8.16 26.54
C THR A 91 7.56 9.20 26.19
N GLU A 92 8.03 10.32 25.66
CA GLU A 92 7.09 11.35 25.25
C GLU A 92 6.14 10.82 24.17
N TYR A 93 4.99 11.47 24.05
CA TYR A 93 3.99 11.08 23.05
C TYR A 93 4.17 11.85 21.74
N MET A 94 4.10 11.11 20.63
CA MET A 94 4.14 11.66 19.27
C MET A 94 2.79 11.44 18.60
N SER A 95 2.02 12.52 18.41
CA SER A 95 0.60 12.40 18.09
C SER A 95 0.36 11.78 16.72
N LYS A 96 1.30 11.90 15.79
CA LYS A 96 1.04 11.43 14.43
C LYS A 96 1.59 10.03 14.16
N GLY A 97 2.15 9.37 15.18
CA GLY A 97 2.63 8.03 14.92
C GLY A 97 3.89 8.01 14.06
N SER A 98 4.15 6.86 13.46
CA SER A 98 5.34 6.71 12.65
C SER A 98 5.26 7.61 11.41
N LEU A 99 6.43 8.06 10.97
CA LEU A 99 6.53 8.85 9.74
C LEU A 99 6.08 8.04 8.52
N LEU A 100 6.38 6.74 8.51
CA LEU A 100 5.88 5.86 7.46
C LEU A 100 4.34 5.85 7.42
N ASP A 101 3.71 5.72 8.59
CA ASP A 101 2.25 5.81 8.60
C ASP A 101 1.79 7.20 8.17
N PHE A 102 2.40 8.25 8.72
CA PHE A 102 2.02 9.62 8.38
C PHE A 102 2.09 9.89 6.88
N LEU A 103 3.22 9.54 6.23
CA LEU A 103 3.36 9.75 4.78
C LEU A 103 2.34 8.98 3.97
N LYS A 104 2.05 7.72 4.37
CA LYS A 104 1.08 6.88 3.67
C LYS A 104 -0.37 7.28 3.94
N GLY A 105 -0.65 7.83 5.11
CA GLY A 105 -2.00 8.15 5.50
C GLY A 105 -2.62 9.34 4.81
N GLU A 106 -3.73 9.84 5.38
CA GLU A 106 -4.51 10.93 4.81
C GLU A 106 -3.73 12.24 4.69
N MET A 107 -2.63 12.42 5.44
CA MET A 107 -1.82 13.64 5.33
C MET A 107 -0.89 13.64 4.12
N GLY A 108 -0.56 12.47 3.60
CA GLY A 108 0.35 12.41 2.46
C GLY A 108 -0.10 13.27 1.31
N LYS A 109 -1.40 13.26 1.01
CA LYS A 109 -1.90 14.02 -0.12
C LYS A 109 -1.46 15.48 -0.08
N TYR A 110 -1.28 16.04 1.12
CA TYR A 110 -1.08 17.49 1.24
C TYR A 110 0.38 17.89 1.39
N LEU A 111 1.23 16.99 1.90
CA LEU A 111 2.66 17.29 2.00
C LEU A 111 3.25 17.59 0.62
N ARG A 112 4.05 18.64 0.56
CA ARG A 112 4.81 19.03 -0.61
C ARG A 112 6.29 19.04 -0.22
N LEU A 113 7.13 19.29 -1.21
CA LEU A 113 8.57 19.25 -0.96
C LEU A 113 9.02 20.12 0.22
N PRO A 114 8.58 21.37 0.37
CA PRO A 114 9.03 22.15 1.53
C PRO A 114 8.77 21.45 2.84
N GLN A 115 7.57 20.85 3.00
CA GLN A 115 7.30 20.06 4.21
C GLN A 115 8.26 18.88 4.33
N LEU A 116 8.33 18.05 3.29
CA LEU A 116 9.19 16.88 3.32
C LEU A 116 10.65 17.25 3.55
N VAL A 117 11.14 18.32 2.92
CA VAL A 117 12.54 18.67 3.11
C VAL A 117 12.78 19.15 4.53
N ASP A 118 11.78 19.81 5.11
CA ASP A 118 11.92 20.25 6.49
C ASP A 118 11.98 19.07 7.44
N MET A 119 11.13 18.08 7.22
CA MET A 119 11.23 16.89 8.07
C MET A 119 12.60 16.24 7.90
N ALA A 120 13.08 16.13 6.66
CA ALA A 120 14.36 15.47 6.45
C ALA A 120 15.48 16.24 7.15
N ALA A 121 15.35 17.57 7.22
CA ALA A 121 16.36 18.34 7.94
C ALA A 121 16.30 18.06 9.45
N GLN A 122 15.10 17.95 10.02
CA GLN A 122 14.97 17.60 11.43
C GLN A 122 15.58 16.23 11.75
N ILE A 123 15.36 15.25 10.88
CA ILE A 123 15.95 13.93 11.10
C ILE A 123 17.47 14.03 11.02
N ALA A 124 17.98 14.68 9.97
CA ALA A 124 19.42 14.90 9.89
C ALA A 124 19.93 15.61 11.15
N SER A 125 19.20 16.62 11.62
CA SER A 125 19.60 17.30 12.84
C SER A 125 19.74 16.34 14.01
N GLY A 126 18.72 15.50 14.23
CA GLY A 126 18.84 14.49 15.28
C GLY A 126 20.01 13.55 15.02
N MET A 127 20.11 13.04 13.80
CA MET A 127 21.21 12.16 13.45
C MET A 127 22.56 12.86 13.56
N ALA A 128 22.59 14.18 13.38
CA ALA A 128 23.87 14.87 13.56
C ALA A 128 24.28 14.86 15.02
N TYR A 129 23.29 14.96 15.92
CA TYR A 129 23.56 14.78 17.35
C TYR A 129 24.04 13.36 17.65
N VAL A 130 23.45 12.36 17.00
CA VAL A 130 23.98 11.01 17.14
C VAL A 130 25.41 10.95 16.57
N GLU A 131 25.66 11.68 15.48
CA GLU A 131 26.99 11.74 14.89
C GLU A 131 27.99 12.36 15.87
N ARG A 132 27.61 13.45 16.54
CA ARG A 132 28.53 14.08 17.50
C ARG A 132 28.80 13.17 18.71
N MET A 133 27.83 12.33 19.09
CA MET A 133 27.98 11.49 20.27
C MET A 133 28.68 10.18 19.97
N ASN A 134 29.11 9.99 18.73
CA ASN A 134 29.81 8.76 18.34
C ASN A 134 28.93 7.55 18.52
N TYR A 135 27.64 7.71 18.27
CA TYR A 135 26.74 6.58 18.27
C TYR A 135 26.35 6.22 16.85
N VAL A 136 25.84 5.00 16.69
CA VAL A 136 25.29 4.51 15.44
C VAL A 136 23.85 4.10 15.67
N HIS A 137 23.03 4.28 14.66
CA HIS A 137 21.63 3.91 14.79
C HIS A 137 21.39 2.50 14.29
N ARG A 138 21.92 2.17 13.11
CA ARG A 138 21.86 0.84 12.51
C ARG A 138 20.48 0.53 11.97
N ASP A 139 19.50 1.42 12.18
CA ASP A 139 18.18 1.11 11.65
C ASP A 139 17.45 2.45 11.57
N LEU A 140 17.85 3.25 10.60
CA LEU A 140 17.24 4.54 10.30
C LEU A 140 16.37 4.34 9.07
N ARG A 141 15.11 4.67 9.20
CA ARG A 141 14.14 4.59 8.12
C ARG A 141 12.84 5.14 8.69
N ALA A 142 11.90 5.45 7.79
CA ALA A 142 10.67 6.14 8.19
C ALA A 142 9.93 5.38 9.29
N ALA A 143 9.92 4.05 9.24
CA ALA A 143 9.23 3.27 10.26
C ALA A 143 9.73 3.60 11.67
N ASN A 144 11.01 3.96 11.81
CA ASN A 144 11.59 4.36 13.08
C ASN A 144 11.75 5.87 13.20
N ILE A 145 10.90 6.66 12.55
CA ILE A 145 10.78 8.09 12.79
C ILE A 145 9.37 8.34 13.29
N LEU A 146 9.25 9.08 14.40
CA LEU A 146 7.96 9.46 14.94
C LEU A 146 7.67 10.92 14.59
N VAL A 147 6.40 11.24 14.39
CA VAL A 147 5.99 12.56 13.98
C VAL A 147 5.07 13.14 15.04
N GLY A 148 5.19 14.42 15.29
CA GLY A 148 4.37 15.06 16.29
C GLY A 148 3.52 16.17 15.72
N GLU A 149 3.03 17.04 16.58
CA GLU A 149 2.27 18.18 16.08
C GLU A 149 3.19 19.16 15.36
N ASN A 150 2.63 19.85 14.37
CA ASN A 150 3.42 20.82 13.61
C ASN A 150 4.57 20.15 12.88
N LEU A 151 4.32 18.97 12.33
CA LEU A 151 5.29 18.27 11.52
C LEU A 151 6.63 18.10 12.24
N VAL A 152 6.64 18.08 13.57
CA VAL A 152 7.85 17.71 14.30
C VAL A 152 8.15 16.23 14.05
N CYS A 153 9.40 15.92 13.73
CA CYS A 153 9.84 14.55 13.53
C CYS A 153 11.00 14.27 14.46
N LYS A 154 10.96 13.13 15.15
CA LYS A 154 12.02 12.73 16.05
C LYS A 154 12.47 11.34 15.68
N VAL A 155 13.78 11.12 15.61
CA VAL A 155 14.27 9.79 15.33
C VAL A 155 14.08 8.92 16.57
N ALA A 156 13.74 7.67 16.35
CA ALA A 156 13.35 6.75 17.40
C ALA A 156 14.09 5.44 17.19
N ASP A 157 14.33 4.73 18.29
CA ASP A 157 15.15 3.52 18.28
C ASP A 157 14.27 2.39 18.78
N PHE A 158 13.76 1.58 17.84
CA PHE A 158 12.92 0.43 18.19
C PHE A 158 13.72 -0.88 18.23
N PHE A 177 15.03 -7.52 9.01
CA PHE A 177 15.66 -7.77 7.72
C PHE A 177 15.62 -6.57 6.76
N PRO A 178 16.28 -5.44 7.12
CA PRO A 178 16.12 -4.22 6.32
C PRO A 178 17.27 -4.05 5.33
N ILE A 179 17.38 -4.96 4.36
CA ILE A 179 18.47 -4.86 3.39
C ILE A 179 18.30 -3.63 2.51
N LYS A 180 17.05 -3.28 2.19
CA LYS A 180 16.78 -2.15 1.31
C LYS A 180 17.19 -0.83 1.93
N TRP A 181 17.33 -0.77 3.25
CA TRP A 181 17.74 0.46 3.92
C TRP A 181 19.17 0.42 4.40
N THR A 182 19.84 -0.73 4.30
CA THR A 182 21.15 -0.90 4.91
C THR A 182 22.25 -0.71 3.88
N ALA A 183 23.28 0.00 4.30
CA ALA A 183 24.45 0.19 3.45
C ALA A 183 25.10 -1.16 3.13
N PRO A 184 25.54 -1.36 1.89
CA PRO A 184 26.05 -2.70 1.53
C PRO A 184 27.19 -3.17 2.42
N GLU A 185 28.17 -2.32 2.69
CA GLU A 185 29.24 -2.78 3.56
C GLU A 185 28.74 -3.16 4.96
N ALA A 186 27.62 -2.59 5.42
CA ALA A 186 27.08 -3.02 6.70
C ALA A 186 26.28 -4.31 6.55
N ALA A 187 25.56 -4.46 5.44
CA ALA A 187 24.75 -5.65 5.25
C ALA A 187 25.61 -6.87 4.94
N LEU A 188 26.71 -6.70 4.21
CA LEU A 188 27.58 -7.80 3.81
C LEU A 188 28.64 -8.14 4.86
N TYR A 189 29.30 -7.13 5.45
CA TYR A 189 30.40 -7.35 6.36
C TYR A 189 30.16 -6.84 7.77
N GLY A 190 28.97 -6.33 8.07
CA GLY A 190 28.69 -5.81 9.40
C GLY A 190 29.48 -4.58 9.83
N ARG A 191 29.91 -3.74 8.88
CA ARG A 191 30.53 -2.46 9.24
C ARG A 191 29.40 -1.43 9.36
N PHE A 192 28.89 -1.29 10.59
CA PHE A 192 27.79 -0.37 10.89
C PHE A 192 28.36 0.94 11.44
N THR A 193 28.61 1.88 10.55
CA THR A 193 29.14 3.19 10.90
C THR A 193 28.03 4.23 10.88
N ILE A 194 28.35 5.42 11.43
CA ILE A 194 27.51 6.56 11.09
C ILE A 194 27.46 6.75 9.59
N LYS A 195 28.50 6.31 8.87
CA LYS A 195 28.50 6.33 7.41
C LYS A 195 27.39 5.45 6.84
N SER A 196 27.18 4.30 7.45
CA SER A 196 26.11 3.44 6.96
C SER A 196 24.74 4.01 7.33
N ASP A 197 24.65 4.67 8.49
CA ASP A 197 23.43 5.40 8.76
C ASP A 197 23.17 6.48 7.71
N VAL A 198 24.23 7.13 7.20
CA VAL A 198 24.04 8.14 6.16
C VAL A 198 23.40 7.49 4.95
N TRP A 199 23.95 6.36 4.50
CA TRP A 199 23.34 5.61 3.42
C TRP A 199 21.85 5.42 3.67
N SER A 200 21.47 5.13 4.92
CA SER A 200 20.05 4.87 5.18
C SER A 200 19.24 6.15 5.14
N PHE A 201 19.82 7.25 5.60
CA PHE A 201 19.17 8.54 5.41
C PHE A 201 18.88 8.76 3.94
N GLY A 202 19.86 8.52 3.07
CA GLY A 202 19.59 8.59 1.63
C GLY A 202 18.36 7.81 1.20
N ILE A 203 18.17 6.62 1.76
CA ILE A 203 17.00 5.82 1.43
C ILE A 203 15.75 6.46 2.02
N LEU A 204 15.87 6.99 3.24
CA LEU A 204 14.71 7.63 3.84
C LEU A 204 14.26 8.83 3.01
N LEU A 205 15.19 9.54 2.37
CA LEU A 205 14.81 10.62 1.47
C LEU A 205 13.95 10.11 0.32
N THR A 206 14.21 8.90 -0.14
CA THR A 206 13.34 8.28 -1.14
C THR A 206 11.97 7.96 -0.58
N GLU A 207 11.89 7.51 0.68
CA GLU A 207 10.56 7.34 1.28
C GLU A 207 9.81 8.67 1.40
N LEU A 208 10.53 9.77 1.68
CA LEU A 208 9.85 11.04 1.79
C LEU A 208 9.32 11.49 0.44
N THR A 209 10.09 11.28 -0.62
CA THR A 209 9.70 11.86 -1.90
C THR A 209 8.70 10.97 -2.63
N THR A 210 8.56 9.73 -2.22
CA THR A 210 7.49 8.89 -2.77
C THR A 210 6.32 8.78 -1.81
N LYS A 211 6.37 9.46 -0.67
CA LYS A 211 5.31 9.42 0.30
C LYS A 211 5.10 8.00 0.83
N GLY A 212 6.19 7.37 1.21
CA GLY A 212 6.12 6.12 1.95
C GLY A 212 6.21 4.85 1.13
N ARG A 213 6.57 4.93 -0.13
CA ARG A 213 6.66 3.72 -0.94
C ARG A 213 7.95 2.97 -0.63
N VAL A 214 7.85 1.64 -0.59
CA VAL A 214 9.02 0.82 -0.28
C VAL A 214 10.10 1.10 -1.33
N PRO A 215 11.36 1.27 -0.95
CA PRO A 215 12.40 1.55 -1.94
C PRO A 215 12.67 0.33 -2.82
N TYR A 216 13.25 0.61 -3.99
CA TYR A 216 13.50 -0.41 -5.00
C TYR A 216 12.21 -1.17 -5.34
N PRO A 217 11.19 -0.49 -5.81
CA PRO A 217 9.93 -1.16 -6.14
C PRO A 217 10.13 -2.28 -7.16
N GLY A 218 9.56 -3.45 -6.84
CA GLY A 218 9.61 -4.60 -7.73
C GLY A 218 10.84 -5.46 -7.61
N MET A 219 11.71 -5.19 -6.63
CA MET A 219 12.95 -5.93 -6.45
C MET A 219 12.91 -6.65 -5.11
N VAL A 220 13.25 -7.94 -5.13
CA VAL A 220 13.32 -8.75 -3.91
C VAL A 220 14.64 -8.46 -3.23
N ASN A 221 14.78 -8.91 -1.97
CA ASN A 221 15.94 -8.54 -1.18
C ASN A 221 17.25 -8.95 -1.87
N ARG A 222 17.32 -10.20 -2.36
CA ARG A 222 18.54 -10.65 -3.01
C ARG A 222 18.81 -9.87 -4.29
N GLU A 223 17.75 -9.42 -4.98
CA GLU A 223 17.94 -8.65 -6.20
C GLU A 223 18.57 -7.28 -5.90
N VAL A 224 18.31 -6.75 -4.71
CA VAL A 224 18.83 -5.43 -4.34
C VAL A 224 20.30 -5.52 -3.98
N LEU A 225 20.66 -6.46 -3.11
CA LEU A 225 22.06 -6.66 -2.74
C LEU A 225 22.95 -6.75 -3.99
N ASP A 226 22.55 -7.61 -4.94
CA ASP A 226 23.39 -7.85 -6.10
C ASP A 226 23.51 -6.58 -6.95
N GLN A 227 22.41 -5.86 -7.14
CA GLN A 227 22.45 -4.72 -8.06
C GLN A 227 23.09 -3.49 -7.42
N VAL A 228 22.97 -3.31 -6.11
CA VAL A 228 23.63 -2.18 -5.48
C VAL A 228 25.16 -2.31 -5.58
N GLU A 229 25.68 -3.55 -5.54
CA GLU A 229 27.12 -3.76 -5.71
C GLU A 229 27.55 -3.53 -7.16
N ARG A 230 26.73 -3.97 -8.11
CA ARG A 230 26.98 -3.64 -9.51
C ARG A 230 26.89 -2.14 -9.81
N GLY A 231 26.61 -1.29 -8.83
CA GLY A 231 26.58 0.16 -9.02
C GLY A 231 25.21 0.79 -9.19
N TYR A 232 24.14 0.01 -9.20
CA TYR A 232 22.80 0.58 -9.42
C TYR A 232 22.37 1.38 -8.20
N ARG A 233 21.51 2.36 -8.45
CA ARG A 233 20.94 3.21 -7.42
C ARG A 233 19.59 3.69 -7.92
N MET A 234 18.71 3.98 -6.97
CA MET A 234 17.35 4.33 -7.35
C MET A 234 17.35 5.58 -8.22
N PRO A 235 16.49 5.65 -9.21
CA PRO A 235 16.45 6.84 -10.06
C PRO A 235 15.85 8.02 -9.34
N CYS A 236 15.76 9.12 -10.04
CA CYS A 236 15.10 10.30 -9.49
C CYS A 236 13.61 10.03 -9.33
N PRO A 237 13.04 10.21 -8.14
CA PRO A 237 11.60 10.02 -7.98
C PRO A 237 10.84 11.08 -8.76
N PRO A 238 9.67 10.75 -9.30
CA PRO A 238 8.88 11.75 -10.03
C PRO A 238 8.64 13.04 -9.26
N GLU A 239 8.85 14.17 -9.95
CA GLU A 239 8.64 15.54 -9.46
C GLU A 239 9.68 15.93 -8.43
N CYS A 240 10.62 15.15 -8.20
CA CYS A 240 11.63 15.47 -7.20
C CYS A 240 12.83 16.12 -7.87
N PRO A 241 13.22 17.32 -7.47
CA PRO A 241 14.35 17.99 -8.14
C PRO A 241 15.57 17.10 -8.25
N GLU A 242 16.35 17.33 -9.30
CA GLU A 242 17.61 16.63 -9.46
C GLU A 242 18.64 17.04 -8.39
N SER A 243 18.57 18.26 -7.86
CA SER A 243 19.45 18.60 -6.73
C SER A 243 19.23 17.67 -5.56
N LEU A 244 17.98 17.30 -5.26
CA LEU A 244 17.75 16.44 -4.12
C LEU A 244 18.20 15.01 -4.42
N HIS A 245 17.92 14.51 -5.62
CA HIS A 245 18.37 13.16 -5.98
C HIS A 245 19.89 13.05 -5.92
N ASP A 246 20.60 14.12 -6.31
CA ASP A 246 22.06 14.13 -6.19
C ASP A 246 22.49 13.96 -4.75
N LEU A 247 21.85 14.69 -3.84
CA LEU A 247 22.11 14.49 -2.43
C LEU A 247 21.97 13.01 -2.05
N MET A 248 20.95 12.34 -2.57
CA MET A 248 20.77 10.93 -2.24
C MET A 248 21.98 10.14 -2.71
N CYS A 249 22.47 10.44 -3.92
CA CYS A 249 23.62 9.74 -4.51
C CYS A 249 24.91 9.95 -3.71
N GLN A 250 25.12 11.13 -3.14
CA GLN A 250 26.23 11.34 -2.22
C GLN A 250 26.10 10.43 -1.02
N CYS A 251 24.86 10.19 -0.56
CA CYS A 251 24.63 9.27 0.54
C CYS A 251 24.89 7.83 0.13
N TRP A 252 24.73 7.52 -1.15
CA TRP A 252 24.85 6.14 -1.63
C TRP A 252 26.21 5.85 -2.29
N ARG A 253 27.24 6.66 -2.03
CA ARG A 253 28.57 6.35 -2.53
C ARG A 253 29.08 5.02 -1.99
N LYS A 254 29.68 4.20 -2.87
CA LYS A 254 30.23 2.90 -2.47
C LYS A 254 31.28 3.05 -1.39
N ASP A 255 32.02 4.14 -1.40
CA ASP A 255 33.06 4.32 -0.40
C ASP A 255 32.47 5.04 0.82
N PRO A 256 32.31 4.37 1.95
CA PRO A 256 31.70 5.03 3.12
C PRO A 256 32.31 6.37 3.48
N GLU A 257 33.63 6.51 3.43
CA GLU A 257 34.25 7.76 3.86
C GLU A 257 33.95 8.93 2.92
N GLU A 258 33.41 8.68 1.70
CA GLU A 258 33.09 9.74 0.74
C GLU A 258 31.68 10.31 0.89
N ARG A 259 30.76 9.59 1.56
CA ARG A 259 29.42 10.12 1.82
C ARG A 259 29.47 11.24 2.84
N PRO A 260 28.55 12.20 2.76
CA PRO A 260 28.64 13.40 3.60
C PRO A 260 28.32 13.11 5.05
N THR A 261 28.66 14.06 5.91
CA THR A 261 28.26 13.93 7.29
C THR A 261 26.79 14.33 7.48
N PHE A 262 26.27 14.00 8.65
CA PHE A 262 24.93 14.49 8.98
C PHE A 262 24.94 16.00 9.19
N GLU A 263 26.04 16.55 9.73
CA GLU A 263 26.18 17.99 9.82
C GLU A 263 26.06 18.65 8.45
N TYR A 264 26.65 18.05 7.42
CA TYR A 264 26.51 18.61 6.09
C TYR A 264 25.06 18.47 5.59
N LEU A 265 24.47 17.28 5.76
CA LEU A 265 23.11 17.06 5.27
C LEU A 265 22.12 18.00 5.95
N GLN A 266 22.24 18.15 7.27
CA GLN A 266 21.34 19.03 7.98
C GLN A 266 21.40 20.42 7.39
N ALA A 267 22.62 20.93 7.19
CA ALA A 267 22.81 22.27 6.68
C ALA A 267 22.29 22.38 5.25
N PHE A 268 22.60 21.38 4.43
CA PHE A 268 22.13 21.42 3.05
C PHE A 268 20.61 21.50 2.98
N LEU A 269 19.92 20.68 3.79
CA LEU A 269 18.46 20.64 3.71
C LEU A 269 17.84 21.88 4.34
N GLU A 270 18.47 22.42 5.39
CA GLU A 270 17.93 23.62 6.01
C GLU A 270 17.92 24.80 5.05
N ASP A 271 18.91 24.93 4.13
CA ASP A 271 18.83 25.99 3.13
C ASP A 271 18.41 25.51 1.76
N TYR A 272 17.79 24.34 1.69
CA TYR A 272 17.50 23.80 0.37
C TYR A 272 16.89 24.87 -0.54
N PHE A 273 15.89 25.56 -0.05
CA PHE A 273 15.10 26.42 -0.93
C PHE A 273 15.66 27.82 -1.12
N THR A 274 16.73 28.20 -0.41
CA THR A 274 17.47 29.42 -0.76
C THR A 274 18.72 29.17 -1.59
N SER A 275 19.62 28.29 -1.14
CA SER A 275 20.91 28.09 -1.79
C SER A 275 20.84 27.14 -2.98
N THR A 276 19.92 26.16 -2.96
CA THR A 276 19.95 25.08 -3.95
C THR A 276 18.80 25.15 -4.93
N GLU A 277 17.56 25.33 -4.47
CA GLU A 277 16.39 25.40 -5.36
C GLU A 277 15.63 26.70 -5.07
N PRO A 278 16.22 27.85 -5.37
CA PRO A 278 15.49 29.10 -5.15
C PRO A 278 14.30 29.25 -6.07
N GLN A 279 14.20 28.45 -7.15
CA GLN A 279 13.14 28.59 -8.15
C GLN A 279 11.99 27.59 -7.95
N TYR A 280 11.90 26.91 -6.81
CA TYR A 280 11.01 25.77 -6.67
C TYR A 280 9.56 26.21 -6.83
N GLN A 281 8.82 25.49 -7.68
CA GLN A 281 7.42 25.79 -7.93
C GLN A 281 6.59 24.57 -7.59
N PRO A 282 5.57 24.73 -6.74
CA PRO A 282 4.80 23.56 -6.30
C PRO A 282 4.29 22.78 -7.49
N GLY A 283 4.10 21.49 -7.27
CA GLY A 283 3.58 20.62 -8.31
C GLY A 283 2.36 19.85 -7.86
N GLU A 284 2.00 18.81 -8.62
CA GLU A 284 0.83 18.00 -8.28
C GLU A 284 1.07 17.19 -7.02
N ASN A 285 2.26 16.62 -6.86
CA ASN A 285 2.55 15.81 -5.69
C ASN A 285 3.71 16.30 -4.85
N LEU A 286 4.69 16.97 -5.45
CA LEU A 286 5.82 17.47 -4.69
C LEU A 286 5.90 19.00 -4.75
N LYS B 10 -17.48 -0.82 -39.42
CA LYS B 10 -17.50 0.64 -39.41
C LYS B 10 -16.57 1.13 -38.32
N ASP B 11 -15.43 0.44 -38.14
CA ASP B 11 -14.55 0.72 -37.02
C ASP B 11 -13.32 -0.14 -37.28
N ALA B 12 -12.19 0.24 -36.69
CA ALA B 12 -10.94 -0.45 -36.99
C ALA B 12 -10.82 -1.58 -35.98
N TRP B 13 -11.75 -1.70 -35.05
CA TRP B 13 -11.79 -2.87 -34.19
C TRP B 13 -12.48 -4.06 -34.86
N GLU B 14 -13.20 -3.80 -35.96
CA GLU B 14 -14.02 -4.81 -36.60
C GLU B 14 -13.18 -5.85 -37.32
N ILE B 15 -13.61 -7.10 -37.26
CA ILE B 15 -13.00 -8.17 -38.03
C ILE B 15 -14.10 -9.02 -38.66
N PRO B 16 -13.75 -9.77 -39.71
CA PRO B 16 -14.73 -10.69 -40.29
C PRO B 16 -14.95 -11.88 -39.36
N ARG B 17 -16.23 -12.23 -39.16
CA ARG B 17 -16.56 -13.35 -38.30
C ARG B 17 -15.99 -14.68 -38.81
N GLU B 18 -15.68 -14.76 -40.10
CA GLU B 18 -15.05 -15.95 -40.67
C GLU B 18 -13.67 -16.20 -40.10
N SER B 19 -13.07 -15.20 -39.45
CA SER B 19 -11.78 -15.39 -38.81
C SER B 19 -11.90 -15.92 -37.39
N LEU B 20 -13.11 -16.30 -36.98
CA LEU B 20 -13.41 -16.81 -35.64
C LEU B 20 -13.83 -18.26 -35.72
N ARG B 21 -13.08 -19.14 -35.02
CA ARG B 21 -13.45 -20.54 -34.82
C ARG B 21 -13.81 -20.72 -33.35
N LEU B 22 -15.12 -20.76 -33.06
CA LEU B 22 -15.60 -21.04 -31.71
C LEU B 22 -15.49 -22.54 -31.42
N GLU B 23 -14.69 -22.90 -30.40
CA GLU B 23 -14.35 -24.29 -30.14
C GLU B 23 -15.03 -24.88 -28.90
N VAL B 24 -14.89 -24.25 -27.73
CA VAL B 24 -15.42 -24.79 -26.48
C VAL B 24 -16.23 -23.72 -25.77
N LYS B 25 -17.31 -24.12 -25.12
CA LYS B 25 -18.09 -23.19 -24.32
C LYS B 25 -17.57 -23.26 -22.88
N LEU B 26 -17.55 -22.12 -22.19
CA LEU B 26 -17.05 -22.08 -20.83
C LEU B 26 -18.05 -21.53 -19.82
N GLY B 27 -19.07 -20.81 -20.26
CA GLY B 27 -20.14 -20.47 -19.35
C GLY B 27 -21.28 -19.76 -20.06
N GLN B 28 -22.11 -19.10 -19.26
CA GLN B 28 -23.51 -18.98 -19.70
C GLN B 28 -24.18 -17.67 -19.33
N GLU B 33 -23.48 -16.09 -23.51
CA GLU B 33 -22.49 -17.17 -23.63
C GLU B 33 -21.08 -16.63 -23.89
N VAL B 34 -20.06 -17.39 -23.50
CA VAL B 34 -18.67 -17.03 -23.77
C VAL B 34 -17.94 -18.27 -24.20
N TRP B 35 -17.45 -18.28 -25.44
CA TRP B 35 -16.77 -19.42 -26.02
C TRP B 35 -15.27 -19.20 -26.04
N MET B 36 -14.52 -20.28 -25.93
CA MET B 36 -13.08 -20.29 -26.22
C MET B 36 -12.86 -20.54 -27.70
N GLY B 37 -11.86 -19.87 -28.27
CA GLY B 37 -11.78 -19.86 -29.72
C GLY B 37 -10.38 -19.71 -30.29
N THR B 38 -10.33 -19.59 -31.62
CA THR B 38 -9.07 -19.38 -32.34
C THR B 38 -9.29 -18.26 -33.35
N TRP B 39 -8.38 -17.29 -33.36
CA TRP B 39 -8.50 -16.10 -34.17
C TRP B 39 -7.50 -16.18 -35.32
N ASN B 40 -8.00 -16.01 -36.55
CA ASN B 40 -7.14 -16.06 -37.74
C ASN B 40 -6.33 -17.36 -37.77
N GLY B 41 -6.88 -18.41 -37.16
CA GLY B 41 -6.27 -19.73 -37.12
C GLY B 41 -4.99 -19.84 -36.33
N THR B 42 -4.49 -18.75 -35.75
CA THR B 42 -3.18 -18.75 -35.11
C THR B 42 -3.23 -18.45 -33.62
N THR B 43 -3.98 -17.42 -33.22
CA THR B 43 -3.94 -16.89 -31.86
C THR B 43 -5.15 -17.37 -31.05
N ARG B 44 -4.88 -17.73 -29.78
CA ARG B 44 -5.91 -18.15 -28.85
C ARG B 44 -6.68 -16.94 -28.34
N VAL B 45 -8.00 -17.06 -28.26
CA VAL B 45 -8.85 -15.95 -27.81
C VAL B 45 -10.02 -16.49 -27.00
N ALA B 46 -10.74 -15.56 -26.41
CA ALA B 46 -12.03 -15.81 -25.81
C ALA B 46 -13.05 -14.95 -26.55
N ILE B 47 -14.24 -15.50 -26.77
CA ILE B 47 -15.26 -14.86 -27.59
C ILE B 47 -16.54 -14.78 -26.78
N LYS B 48 -16.93 -13.57 -26.39
CA LYS B 48 -18.17 -13.34 -25.66
C LYS B 48 -19.30 -13.09 -26.65
N THR B 49 -20.25 -14.00 -26.71
CA THR B 49 -21.37 -13.93 -27.64
C THR B 49 -22.59 -13.39 -26.93
N LEU B 50 -23.19 -12.34 -27.49
CA LEU B 50 -24.46 -11.79 -27.00
C LEU B 50 -25.63 -12.49 -27.69
N LYS B 51 -26.75 -12.61 -26.95
CA LYS B 51 -27.94 -13.27 -27.50
C LYS B 51 -28.52 -12.45 -28.64
N PRO B 52 -28.83 -13.09 -29.78
CA PRO B 52 -29.43 -12.35 -30.89
C PRO B 52 -30.67 -11.57 -30.45
N GLY B 53 -30.80 -10.36 -30.97
CA GLY B 53 -31.89 -9.48 -30.61
C GLY B 53 -31.64 -8.65 -29.37
N THR B 54 -30.56 -8.91 -28.63
CA THR B 54 -30.32 -8.15 -27.41
C THR B 54 -29.84 -6.74 -27.70
N MET B 55 -29.04 -6.58 -28.75
CA MET B 55 -28.42 -5.30 -29.04
C MET B 55 -28.16 -5.19 -30.53
N SER B 56 -28.40 -3.97 -31.07
CA SER B 56 -28.16 -3.57 -32.45
C SER B 56 -26.81 -2.87 -32.57
N PRO B 57 -26.19 -2.94 -33.75
CA PRO B 57 -24.86 -2.32 -33.92
C PRO B 57 -24.83 -0.83 -33.59
N GLU B 58 -25.91 -0.09 -33.88
CA GLU B 58 -25.95 1.32 -33.51
C GLU B 58 -25.74 1.50 -32.01
N ALA B 59 -26.42 0.69 -31.19
CA ALA B 59 -26.24 0.78 -29.75
C ALA B 59 -24.92 0.18 -29.30
N PHE B 60 -24.44 -0.85 -29.99
CA PHE B 60 -23.13 -1.41 -29.66
C PHE B 60 -22.03 -0.40 -29.91
N LEU B 61 -22.17 0.41 -30.96
CA LEU B 61 -21.18 1.46 -31.24
C LEU B 61 -21.08 2.43 -30.08
N GLN B 62 -22.21 3.05 -29.70
CA GLN B 62 -22.23 4.07 -28.66
C GLN B 62 -22.16 3.52 -27.24
N GLU B 63 -22.12 2.19 -27.07
CA GLU B 63 -22.08 1.59 -25.74
C GLU B 63 -20.87 0.73 -25.47
N ALA B 64 -20.19 0.23 -26.50
CA ALA B 64 -18.95 -0.51 -26.32
C ALA B 64 -17.72 0.38 -26.45
N GLN B 65 -17.90 1.68 -26.62
CA GLN B 65 -16.74 2.54 -26.79
C GLN B 65 -15.94 2.72 -25.51
N VAL B 66 -16.30 2.03 -24.43
CA VAL B 66 -15.49 2.08 -23.20
C VAL B 66 -14.47 0.95 -23.18
N MET B 67 -14.87 -0.26 -23.59
CA MET B 67 -13.90 -1.33 -23.70
C MET B 67 -12.79 -0.97 -24.67
N LYS B 68 -13.11 -0.20 -25.72
CA LYS B 68 -12.08 0.15 -26.70
C LYS B 68 -11.13 1.22 -26.19
N LYS B 69 -11.64 2.23 -25.47
CA LYS B 69 -10.75 3.31 -25.06
C LYS B 69 -9.81 2.87 -23.95
N LEU B 70 -10.32 2.10 -23.00
CA LEU B 70 -9.54 1.63 -21.85
C LEU B 70 -8.60 0.50 -22.26
N ARG B 71 -7.33 0.64 -21.94
CA ARG B 71 -6.41 -0.47 -22.08
C ARG B 71 -5.31 -0.33 -21.03
N HIS B 72 -5.10 -1.39 -20.27
CA HIS B 72 -4.13 -1.41 -19.19
C HIS B 72 -3.74 -2.86 -18.94
N GLU B 73 -2.59 -3.05 -18.28
CA GLU B 73 -2.03 -4.39 -18.10
C GLU B 73 -2.98 -5.29 -17.31
N LYS B 74 -3.69 -4.72 -16.35
CA LYS B 74 -4.55 -5.46 -15.44
C LYS B 74 -6.03 -5.38 -15.85
N LEU B 75 -6.29 -5.07 -17.11
CA LEU B 75 -7.63 -5.08 -17.66
C LEU B 75 -7.64 -6.06 -18.84
N VAL B 76 -8.57 -7.02 -18.82
CA VAL B 76 -8.65 -7.96 -19.92
C VAL B 76 -8.69 -7.19 -21.22
N GLN B 77 -7.80 -7.56 -22.15
CA GLN B 77 -7.60 -6.80 -23.38
C GLN B 77 -8.61 -7.17 -24.45
N LEU B 78 -9.33 -6.17 -24.98
CA LEU B 78 -10.15 -6.40 -26.15
C LEU B 78 -9.28 -6.57 -27.39
N TYR B 79 -9.60 -7.57 -28.21
CA TYR B 79 -8.87 -7.83 -29.44
C TYR B 79 -9.62 -7.35 -30.67
N ALA B 80 -10.89 -7.72 -30.78
CA ALA B 80 -11.66 -7.43 -31.98
C ALA B 80 -13.15 -7.51 -31.63
N VAL B 81 -13.97 -7.17 -32.62
CA VAL B 81 -15.40 -7.05 -32.44
C VAL B 81 -16.06 -7.50 -33.74
N VAL B 82 -17.13 -8.27 -33.60
CA VAL B 82 -18.03 -8.58 -34.72
C VAL B 82 -19.38 -7.98 -34.38
N SER B 83 -19.63 -6.76 -34.85
CA SER B 83 -20.82 -5.99 -34.48
C SER B 83 -22.02 -6.26 -35.39
N GLU B 84 -22.13 -7.48 -35.90
CA GLU B 84 -23.30 -7.94 -36.62
C GLU B 84 -23.91 -9.14 -35.91
N GLU B 85 -25.21 -9.06 -35.64
CA GLU B 85 -25.96 -10.10 -34.93
C GLU B 85 -25.71 -11.46 -35.58
N PRO B 86 -25.28 -12.47 -34.83
CA PRO B 86 -24.96 -12.35 -33.39
C PRO B 86 -23.64 -11.58 -33.13
N ILE B 87 -23.71 -10.61 -32.22
CA ILE B 87 -22.55 -9.79 -31.88
C ILE B 87 -21.53 -10.62 -31.10
N TYR B 88 -20.28 -10.56 -31.54
CA TYR B 88 -19.17 -11.23 -30.88
C TYR B 88 -18.23 -10.19 -30.27
N ILE B 89 -17.50 -10.59 -29.23
CA ILE B 89 -16.49 -9.74 -28.61
C ILE B 89 -15.28 -10.62 -28.34
N VAL B 90 -14.22 -10.41 -29.11
CA VAL B 90 -12.99 -11.18 -28.96
C VAL B 90 -12.11 -10.51 -27.91
N THR B 91 -11.64 -11.28 -26.93
CA THR B 91 -10.76 -10.76 -25.91
C THR B 91 -9.63 -11.75 -25.68
N GLU B 92 -8.63 -11.31 -24.91
CA GLU B 92 -7.56 -12.21 -24.55
C GLU B 92 -8.10 -13.36 -23.69
N TYR B 93 -7.44 -14.51 -23.79
CA TYR B 93 -7.90 -15.70 -23.07
C TYR B 93 -7.22 -15.80 -21.72
N MET B 94 -8.01 -15.96 -20.67
CA MET B 94 -7.47 -16.06 -19.32
C MET B 94 -7.58 -17.53 -18.87
N SER B 95 -6.47 -18.26 -18.87
CA SER B 95 -6.46 -19.71 -18.76
C SER B 95 -7.05 -20.25 -17.46
N LYS B 96 -7.27 -19.43 -16.42
CA LYS B 96 -7.72 -19.97 -15.14
C LYS B 96 -9.17 -19.63 -14.82
N GLY B 97 -9.89 -19.04 -15.77
CA GLY B 97 -11.29 -18.70 -15.49
C GLY B 97 -11.43 -17.62 -14.42
N SER B 98 -12.63 -17.54 -13.84
CA SER B 98 -12.93 -16.42 -12.96
C SER B 98 -12.20 -16.55 -11.65
N LEU B 99 -11.92 -15.39 -11.03
CA LEU B 99 -11.30 -15.42 -9.71
C LEU B 99 -12.18 -16.17 -8.71
N LEU B 100 -13.49 -16.08 -8.86
CA LEU B 100 -14.38 -16.76 -7.91
C LEU B 100 -14.27 -18.28 -8.08
N ASP B 101 -14.31 -18.76 -9.32
CA ASP B 101 -14.09 -20.19 -9.52
C ASP B 101 -12.69 -20.62 -9.07
N PHE B 102 -11.68 -19.80 -9.35
CA PHE B 102 -10.34 -20.10 -8.86
C PHE B 102 -10.31 -20.27 -7.35
N LEU B 103 -10.92 -19.34 -6.60
CA LEU B 103 -10.82 -19.42 -5.14
C LEU B 103 -11.59 -20.63 -4.60
N LYS B 104 -12.76 -20.95 -5.19
CA LYS B 104 -13.57 -22.06 -4.70
C LYS B 104 -12.99 -23.39 -5.15
N GLY B 105 -12.18 -23.38 -6.20
CA GLY B 105 -11.61 -24.58 -6.75
C GLY B 105 -10.44 -25.14 -5.94
N GLU B 106 -9.77 -26.13 -6.56
CA GLU B 106 -8.71 -26.87 -5.90
C GLU B 106 -7.58 -25.97 -5.44
N MET B 107 -7.33 -24.86 -6.15
CA MET B 107 -6.24 -23.99 -5.76
C MET B 107 -6.52 -23.23 -4.47
N GLY B 108 -7.79 -23.07 -4.11
CA GLY B 108 -8.12 -22.24 -2.96
C GLY B 108 -7.39 -22.66 -1.71
N LYS B 109 -7.33 -23.97 -1.46
CA LYS B 109 -6.74 -24.42 -0.20
C LYS B 109 -5.28 -23.95 -0.07
N TYR B 110 -4.54 -23.88 -1.18
CA TYR B 110 -3.12 -23.59 -1.05
C TYR B 110 -2.82 -22.11 -1.08
N LEU B 111 -3.74 -21.30 -1.61
CA LEU B 111 -3.57 -19.86 -1.58
C LEU B 111 -3.41 -19.34 -0.14
N ARG B 112 -2.43 -18.50 0.08
CA ARG B 112 -2.29 -17.87 1.38
C ARG B 112 -2.30 -16.35 1.19
N LEU B 113 -2.24 -15.64 2.31
CA LEU B 113 -2.34 -14.19 2.26
C LEU B 113 -1.37 -13.54 1.27
N PRO B 114 -0.08 -13.88 1.23
CA PRO B 114 0.78 -13.23 0.25
C PRO B 114 0.28 -13.33 -1.18
N GLN B 115 -0.15 -14.50 -1.62
CA GLN B 115 -0.72 -14.58 -2.96
C GLN B 115 -2.03 -13.83 -3.05
N LEU B 116 -2.81 -13.81 -1.97
CA LEU B 116 -4.09 -13.13 -2.01
C LEU B 116 -3.92 -11.61 -2.00
N VAL B 117 -3.00 -11.08 -1.18
CA VAL B 117 -2.81 -9.64 -1.21
C VAL B 117 -2.28 -9.22 -2.56
N ASP B 118 -1.47 -10.07 -3.18
CA ASP B 118 -0.89 -9.71 -4.47
C ASP B 118 -1.94 -9.71 -5.59
N MET B 119 -2.92 -10.60 -5.50
CA MET B 119 -4.02 -10.56 -6.46
C MET B 119 -4.85 -9.30 -6.28
N ALA B 120 -5.19 -8.99 -5.02
CA ALA B 120 -5.95 -7.79 -4.76
C ALA B 120 -5.16 -6.57 -5.24
N ALA B 121 -3.85 -6.55 -4.99
CA ALA B 121 -3.00 -5.50 -5.53
C ALA B 121 -3.23 -5.33 -7.04
N GLN B 122 -3.18 -6.44 -7.80
CA GLN B 122 -3.34 -6.30 -9.25
C GLN B 122 -4.68 -5.71 -9.60
N ILE B 123 -5.74 -6.11 -8.90
CA ILE B 123 -7.07 -5.57 -9.17
C ILE B 123 -7.08 -4.07 -8.91
N ALA B 124 -6.55 -3.65 -7.76
CA ALA B 124 -6.53 -2.25 -7.41
C ALA B 124 -5.78 -1.46 -8.48
N SER B 125 -4.70 -2.03 -8.98
CA SER B 125 -3.95 -1.40 -10.06
C SER B 125 -4.84 -1.12 -11.27
N GLY B 126 -5.55 -2.14 -11.75
CA GLY B 126 -6.45 -1.93 -12.86
C GLY B 126 -7.54 -0.93 -12.54
N MET B 127 -8.11 -1.03 -11.35
CA MET B 127 -9.12 -0.06 -10.94
C MET B 127 -8.51 1.33 -10.77
N ALA B 128 -7.24 1.41 -10.36
CA ALA B 128 -6.61 2.73 -10.29
C ALA B 128 -6.51 3.34 -11.67
N TYR B 129 -6.23 2.51 -12.69
CA TYR B 129 -6.24 3.01 -14.06
C TYR B 129 -7.62 3.50 -14.43
N VAL B 130 -8.64 2.66 -14.21
CA VAL B 130 -10.01 3.07 -14.44
C VAL B 130 -10.30 4.39 -13.73
N GLU B 131 -9.75 4.58 -12.52
CA GLU B 131 -9.95 5.81 -11.76
C GLU B 131 -9.34 7.01 -12.49
N ARG B 132 -8.10 6.88 -12.95
CA ARG B 132 -7.45 7.97 -13.69
C ARG B 132 -8.26 8.38 -14.91
N MET B 133 -8.83 7.41 -15.63
CA MET B 133 -9.66 7.68 -16.79
C MET B 133 -11.04 8.23 -16.43
N ASN B 134 -11.37 8.32 -15.16
CA ASN B 134 -12.67 8.82 -14.73
C ASN B 134 -13.80 7.96 -15.30
N TYR B 135 -13.66 6.64 -15.15
CA TYR B 135 -14.74 5.70 -15.45
C TYR B 135 -15.18 4.99 -14.17
N VAL B 136 -16.34 4.36 -14.23
CA VAL B 136 -16.90 3.57 -13.15
C VAL B 136 -17.12 2.15 -13.65
N HIS B 137 -16.84 1.16 -12.81
CA HIS B 137 -16.99 -0.21 -13.27
C HIS B 137 -18.40 -0.73 -13.03
N ARG B 138 -18.98 -0.42 -11.88
CA ARG B 138 -20.35 -0.70 -11.53
C ARG B 138 -20.58 -2.16 -11.14
N ASP B 139 -19.67 -3.08 -11.43
CA ASP B 139 -19.86 -4.47 -11.02
C ASP B 139 -18.53 -5.12 -10.68
N LEU B 140 -17.77 -4.51 -9.78
CA LEU B 140 -16.53 -5.07 -9.29
C LEU B 140 -16.85 -6.20 -8.30
N ARG B 141 -16.45 -7.42 -8.64
CA ARG B 141 -16.58 -8.57 -7.73
C ARG B 141 -15.80 -9.74 -8.33
N ALA B 142 -15.48 -10.72 -7.47
CA ALA B 142 -14.64 -11.85 -7.90
C ALA B 142 -15.21 -12.57 -9.12
N ALA B 143 -16.52 -12.59 -9.30
CA ALA B 143 -17.09 -13.24 -10.48
C ALA B 143 -16.68 -12.54 -11.78
N ASN B 144 -16.33 -11.25 -11.72
CA ASN B 144 -15.91 -10.46 -12.88
C ASN B 144 -14.40 -10.24 -12.94
N ILE B 145 -13.63 -10.92 -12.12
CA ILE B 145 -12.18 -10.87 -12.20
C ILE B 145 -11.72 -12.18 -12.84
N LEU B 146 -10.73 -12.09 -13.71
CA LEU B 146 -10.25 -13.27 -14.41
C LEU B 146 -8.81 -13.52 -14.04
N VAL B 147 -8.47 -14.78 -13.85
CA VAL B 147 -7.13 -15.18 -13.50
C VAL B 147 -6.48 -15.86 -14.67
N GLY B 148 -5.20 -15.55 -14.87
CA GLY B 148 -4.42 -16.15 -15.91
C GLY B 148 -3.23 -16.91 -15.37
N GLU B 149 -2.28 -17.18 -16.26
CA GLU B 149 -1.08 -17.88 -15.82
C GLU B 149 -0.34 -17.04 -14.78
N ASN B 150 0.36 -17.71 -13.88
CA ASN B 150 1.23 -17.05 -12.92
C ASN B 150 0.44 -16.21 -11.91
N LEU B 151 -0.82 -16.55 -11.69
CA LEU B 151 -1.62 -15.82 -10.71
C LEU B 151 -1.81 -14.35 -11.10
N VAL B 152 -1.83 -14.02 -12.38
CA VAL B 152 -2.18 -12.66 -12.76
C VAL B 152 -3.69 -12.56 -12.79
N CYS B 153 -4.21 -11.47 -12.24
CA CYS B 153 -5.64 -11.18 -12.24
C CYS B 153 -5.88 -9.93 -13.10
N LYS B 154 -7.03 -9.90 -13.74
CA LYS B 154 -7.38 -8.81 -14.63
C LYS B 154 -8.84 -8.47 -14.44
N VAL B 155 -9.15 -7.19 -14.51
CA VAL B 155 -10.56 -6.79 -14.39
C VAL B 155 -11.27 -7.08 -15.71
N ALA B 156 -12.54 -7.50 -15.63
CA ALA B 156 -13.36 -7.77 -16.80
C ALA B 156 -14.75 -7.21 -16.55
N ASP B 157 -15.55 -7.11 -17.61
CA ASP B 157 -16.93 -6.64 -17.41
C ASP B 157 -17.84 -7.08 -18.54
N PHE B 177 -29.01 -9.22 -9.22
CA PHE B 177 -28.45 -7.92 -8.83
C PHE B 177 -27.50 -8.03 -7.62
N PRO B 178 -26.26 -7.56 -7.79
CA PRO B 178 -25.24 -7.72 -6.72
C PRO B 178 -25.37 -6.66 -5.63
N ILE B 179 -26.47 -6.73 -4.87
CA ILE B 179 -26.68 -5.75 -3.82
C ILE B 179 -25.67 -5.92 -2.70
N LYS B 180 -25.30 -7.17 -2.38
CA LYS B 180 -24.27 -7.39 -1.37
C LYS B 180 -22.93 -6.81 -1.78
N TRP B 181 -22.66 -6.71 -3.09
CA TRP B 181 -21.41 -6.10 -3.55
C TRP B 181 -21.53 -4.61 -3.83
N THR B 182 -22.74 -4.03 -3.73
CA THR B 182 -23.00 -2.68 -4.18
C THR B 182 -23.04 -1.73 -2.99
N ALA B 183 -22.38 -0.59 -3.15
CA ALA B 183 -22.49 0.47 -2.16
C ALA B 183 -23.96 0.85 -1.96
N PRO B 184 -24.36 1.19 -0.73
CA PRO B 184 -25.76 1.52 -0.49
C PRO B 184 -26.25 2.74 -1.27
N GLU B 185 -25.48 3.82 -1.32
CA GLU B 185 -25.93 4.95 -2.14
C GLU B 185 -26.14 4.56 -3.60
N ALA B 186 -25.48 3.51 -4.09
CA ALA B 186 -25.64 3.13 -5.49
C ALA B 186 -26.81 2.16 -5.67
N ALA B 187 -27.09 1.34 -4.68
CA ALA B 187 -28.18 0.39 -4.75
C ALA B 187 -29.52 1.00 -4.42
N LEU B 188 -29.55 2.15 -3.77
CA LEU B 188 -30.80 2.81 -3.38
C LEU B 188 -31.17 3.96 -4.32
N TYR B 189 -30.24 4.87 -4.60
CA TYR B 189 -30.51 6.00 -5.47
C TYR B 189 -29.66 6.03 -6.74
N GLY B 190 -28.99 4.94 -7.09
CA GLY B 190 -28.30 4.91 -8.36
C GLY B 190 -27.05 5.75 -8.44
N ARG B 191 -26.44 6.10 -7.32
CA ARG B 191 -25.23 6.92 -7.34
C ARG B 191 -24.00 6.01 -7.47
N PHE B 192 -23.65 5.67 -8.73
CA PHE B 192 -22.50 4.82 -9.03
C PHE B 192 -21.27 5.69 -9.33
N THR B 193 -20.28 5.63 -8.45
CA THR B 193 -19.02 6.36 -8.64
C THR B 193 -17.85 5.41 -8.48
N ILE B 194 -16.67 5.91 -8.80
CA ILE B 194 -15.48 5.15 -8.46
C ILE B 194 -15.46 4.82 -6.97
N LYS B 195 -16.10 5.67 -6.14
CA LYS B 195 -16.15 5.41 -4.70
C LYS B 195 -17.20 4.37 -4.33
N SER B 196 -18.13 4.08 -5.24
CA SER B 196 -19.01 2.93 -5.05
C SER B 196 -18.36 1.67 -5.60
N ASP B 197 -17.40 1.84 -6.52
CA ASP B 197 -16.54 0.73 -6.87
C ASP B 197 -15.60 0.40 -5.71
N VAL B 198 -15.05 1.41 -5.05
CA VAL B 198 -14.19 1.18 -3.90
C VAL B 198 -14.93 0.36 -2.85
N TRP B 199 -16.20 0.66 -2.61
CA TRP B 199 -16.97 -0.15 -1.68
C TRP B 199 -16.95 -1.60 -2.08
N SER B 200 -17.05 -1.87 -3.39
CA SER B 200 -17.07 -3.25 -3.87
C SER B 200 -15.71 -3.89 -3.69
N PHE B 201 -14.64 -3.15 -3.98
CA PHE B 201 -13.32 -3.68 -3.71
C PHE B 201 -13.23 -4.21 -2.28
N GLY B 202 -13.82 -3.52 -1.32
CA GLY B 202 -13.78 -3.99 0.05
C GLY B 202 -14.55 -5.30 0.24
N ILE B 203 -15.66 -5.45 -0.48
CA ILE B 203 -16.37 -6.73 -0.47
C ILE B 203 -15.55 -7.79 -1.17
N LEU B 204 -14.86 -7.42 -2.25
CA LEU B 204 -14.02 -8.43 -2.90
C LEU B 204 -12.85 -8.83 -2.00
N LEU B 205 -12.40 -7.93 -1.11
CA LEU B 205 -11.33 -8.32 -0.20
C LEU B 205 -11.79 -9.40 0.78
N THR B 206 -13.10 -9.48 1.06
CA THR B 206 -13.57 -10.55 1.94
C THR B 206 -13.75 -11.85 1.17
N GLU B 207 -13.98 -11.77 -0.16
CA GLU B 207 -13.96 -12.98 -0.99
C GLU B 207 -12.56 -13.58 -1.04
N LEU B 208 -11.55 -12.76 -1.32
CA LEU B 208 -10.17 -13.23 -1.30
C LEU B 208 -9.78 -13.81 0.06
N THR B 209 -10.27 -13.21 1.15
CA THR B 209 -9.84 -13.67 2.47
C THR B 209 -10.70 -14.80 3.01
N THR B 210 -11.84 -15.06 2.42
CA THR B 210 -12.64 -16.23 2.78
C THR B 210 -12.60 -17.29 1.69
N LYS B 211 -11.72 -17.15 0.74
CA LYS B 211 -11.63 -18.09 -0.36
C LYS B 211 -12.90 -18.28 -1.17
N GLY B 212 -13.61 -17.20 -1.43
CA GLY B 212 -14.75 -17.27 -2.31
C GLY B 212 -16.12 -17.30 -1.66
N ARG B 213 -16.19 -17.27 -0.33
CA ARG B 213 -17.49 -17.32 0.35
C ARG B 213 -18.36 -16.13 -0.05
N VAL B 214 -19.66 -16.38 -0.24
CA VAL B 214 -20.59 -15.26 -0.51
C VAL B 214 -20.58 -14.33 0.70
N PRO B 215 -20.51 -13.02 0.53
CA PRO B 215 -20.48 -12.12 1.69
C PRO B 215 -21.82 -12.06 2.43
N TYR B 216 -21.76 -11.57 3.67
CA TYR B 216 -22.91 -11.52 4.56
C TYR B 216 -23.53 -12.92 4.68
N PRO B 217 -22.78 -13.89 5.18
CA PRO B 217 -23.33 -15.25 5.31
C PRO B 217 -24.63 -15.23 6.09
N GLY B 218 -25.58 -16.05 5.62
CA GLY B 218 -26.86 -16.19 6.28
C GLY B 218 -27.84 -15.05 6.05
N MET B 219 -27.41 -13.96 5.43
CA MET B 219 -28.25 -12.79 5.23
C MET B 219 -28.78 -12.76 3.80
N VAL B 220 -30.04 -12.37 3.65
CA VAL B 220 -30.63 -12.25 2.35
C VAL B 220 -30.73 -10.75 2.01
N ASN B 221 -30.86 -10.45 0.71
CA ASN B 221 -30.64 -9.09 0.22
C ASN B 221 -31.38 -8.04 1.04
N ARG B 222 -32.69 -8.21 1.25
CA ARG B 222 -33.43 -7.17 1.98
C ARG B 222 -32.85 -6.95 3.37
N GLU B 223 -32.34 -8.00 4.01
CA GLU B 223 -31.74 -7.85 5.32
C GLU B 223 -30.34 -7.23 5.24
N VAL B 224 -29.66 -7.37 4.10
CA VAL B 224 -28.36 -6.72 3.95
C VAL B 224 -28.53 -5.21 3.82
N LEU B 225 -29.32 -4.75 2.84
CA LEU B 225 -29.46 -3.30 2.65
C LEU B 225 -30.02 -2.65 3.91
N ASP B 226 -30.80 -3.39 4.70
CA ASP B 226 -31.33 -2.86 5.96
C ASP B 226 -30.24 -2.77 7.02
N GLN B 227 -29.51 -3.86 7.24
CA GLN B 227 -28.50 -3.86 8.29
C GLN B 227 -27.32 -2.95 7.95
N VAL B 228 -27.01 -2.80 6.65
CA VAL B 228 -25.86 -1.98 6.31
C VAL B 228 -26.18 -0.50 6.56
N GLU B 229 -27.43 -0.09 6.32
CA GLU B 229 -27.80 1.31 6.56
C GLU B 229 -27.87 1.62 8.05
N ARG B 230 -28.21 0.63 8.86
CA ARG B 230 -28.11 0.75 10.31
C ARG B 230 -26.67 0.72 10.82
N GLY B 231 -25.67 0.54 9.94
CA GLY B 231 -24.26 0.61 10.37
C GLY B 231 -23.50 -0.71 10.44
N TYR B 232 -24.14 -1.86 10.22
CA TYR B 232 -23.46 -3.15 10.26
C TYR B 232 -22.38 -3.26 9.18
N ARG B 233 -21.30 -3.97 9.52
CA ARG B 233 -20.26 -4.33 8.57
C ARG B 233 -19.78 -5.73 8.90
N MET B 234 -19.40 -6.48 7.87
CA MET B 234 -18.88 -7.82 8.13
C MET B 234 -17.65 -7.76 9.04
N PRO B 235 -17.53 -8.69 9.95
CA PRO B 235 -16.35 -8.68 10.81
C PRO B 235 -15.09 -9.16 10.11
N CYS B 236 -13.97 -9.09 10.84
CA CYS B 236 -12.71 -9.63 10.37
C CYS B 236 -12.82 -11.12 10.05
N PRO B 237 -12.59 -11.53 8.81
CA PRO B 237 -12.58 -12.96 8.49
C PRO B 237 -11.51 -13.67 9.30
N PRO B 238 -11.73 -14.94 9.64
CA PRO B 238 -10.78 -15.64 10.50
C PRO B 238 -9.39 -15.78 9.88
N GLU B 239 -8.37 -15.52 10.68
CA GLU B 239 -6.97 -15.52 10.28
C GLU B 239 -6.59 -14.29 9.45
N CYS B 240 -7.52 -13.41 9.20
CA CYS B 240 -7.24 -12.21 8.43
C CYS B 240 -6.65 -11.14 9.35
N PRO B 241 -5.51 -10.54 8.99
CA PRO B 241 -4.94 -9.45 9.81
C PRO B 241 -5.91 -8.30 10.00
N GLU B 242 -5.97 -7.78 11.25
CA GLU B 242 -6.90 -6.68 11.50
C GLU B 242 -6.57 -5.46 10.64
N SER B 243 -5.30 -5.27 10.25
CA SER B 243 -4.94 -4.17 9.37
C SER B 243 -5.64 -4.28 8.03
N LEU B 244 -5.80 -5.50 7.52
CA LEU B 244 -6.54 -5.66 6.27
C LEU B 244 -8.05 -5.46 6.49
N HIS B 245 -8.57 -5.84 7.65
CA HIS B 245 -9.99 -5.59 7.92
C HIS B 245 -10.23 -4.10 8.14
N ASP B 246 -9.23 -3.36 8.63
CA ASP B 246 -9.40 -1.92 8.72
C ASP B 246 -9.51 -1.31 7.32
N LEU B 247 -8.68 -1.80 6.39
CA LEU B 247 -8.72 -1.28 5.04
C LEU B 247 -10.06 -1.57 4.37
N MET B 248 -10.67 -2.72 4.64
CA MET B 248 -11.97 -2.92 4.02
C MET B 248 -13.04 -2.10 4.73
N CYS B 249 -12.82 -1.79 6.02
CA CYS B 249 -13.74 -0.90 6.73
C CYS B 249 -13.68 0.54 6.23
N GLN B 250 -12.53 0.99 5.76
CA GLN B 250 -12.45 2.28 5.10
C GLN B 250 -13.16 2.26 3.75
N CYS B 251 -13.09 1.13 3.05
CA CYS B 251 -13.83 0.99 1.80
C CYS B 251 -15.35 0.99 2.03
N TRP B 252 -15.80 0.73 3.26
CA TRP B 252 -17.23 0.66 3.55
C TRP B 252 -17.77 1.90 4.27
N ARG B 253 -17.00 2.98 4.31
CA ARG B 253 -17.45 4.20 4.98
C ARG B 253 -18.77 4.68 4.38
N LYS B 254 -19.69 5.10 5.26
CA LYS B 254 -21.00 5.56 4.82
C LYS B 254 -20.90 6.67 3.78
N ASP B 255 -20.03 7.65 4.02
CA ASP B 255 -19.87 8.75 3.08
C ASP B 255 -18.91 8.34 1.96
N PRO B 256 -19.36 8.26 0.71
CA PRO B 256 -18.46 7.87 -0.40
C PRO B 256 -17.15 8.66 -0.46
N GLU B 257 -17.17 9.96 -0.24
CA GLU B 257 -15.93 10.72 -0.40
C GLU B 257 -14.90 10.36 0.68
N GLU B 258 -15.32 9.71 1.75
CA GLU B 258 -14.40 9.30 2.80
C GLU B 258 -13.74 7.94 2.55
N ARG B 259 -14.15 7.22 1.53
CA ARG B 259 -13.50 5.96 1.17
C ARG B 259 -12.18 6.23 0.46
N PRO B 260 -11.18 5.38 0.64
CA PRO B 260 -9.89 5.61 -0.02
C PRO B 260 -10.04 5.53 -1.53
N THR B 261 -9.04 6.08 -2.22
CA THR B 261 -8.97 5.88 -3.66
C THR B 261 -8.25 4.56 -3.96
N PHE B 262 -8.41 4.10 -5.21
CA PHE B 262 -7.69 2.92 -5.64
C PHE B 262 -6.20 3.16 -5.70
N GLU B 263 -5.78 4.42 -5.90
CA GLU B 263 -4.34 4.70 -5.92
C GLU B 263 -3.73 4.44 -4.56
N TYR B 264 -4.48 4.73 -3.49
CA TYR B 264 -4.03 4.38 -2.16
C TYR B 264 -4.15 2.86 -1.95
N LEU B 265 -5.27 2.27 -2.34
CA LEU B 265 -5.44 0.82 -2.21
C LEU B 265 -4.33 0.09 -2.93
N GLN B 266 -3.95 0.56 -4.11
CA GLN B 266 -2.97 -0.19 -4.87
C GLN B 266 -1.61 -0.13 -4.18
N ALA B 267 -1.23 1.04 -3.67
CA ALA B 267 0.06 1.15 -3.00
C ALA B 267 0.02 0.48 -1.62
N PHE B 268 -1.13 0.53 -0.95
CA PHE B 268 -1.22 -0.13 0.33
C PHE B 268 -1.02 -1.64 0.17
N LEU B 269 -1.65 -2.23 -0.84
CA LEU B 269 -1.52 -3.67 -1.03
C LEU B 269 -0.13 -4.05 -1.51
N GLU B 270 0.47 -3.22 -2.38
CA GLU B 270 1.78 -3.54 -2.93
C GLU B 270 2.86 -3.53 -1.87
N ASP B 271 2.77 -2.61 -0.91
CA ASP B 271 3.78 -2.51 0.13
C ASP B 271 3.39 -3.27 1.39
N TYR B 272 2.31 -4.04 1.34
CA TYR B 272 1.64 -4.51 2.56
C TYR B 272 2.61 -5.24 3.51
N PHE B 273 3.39 -6.15 2.97
CA PHE B 273 4.17 -7.00 3.83
C PHE B 273 5.48 -6.37 4.30
N THR B 274 5.81 -5.16 3.85
CA THR B 274 6.90 -4.48 4.56
C THR B 274 6.46 -3.25 5.35
N SER B 275 5.46 -2.49 4.90
CA SER B 275 5.04 -1.27 5.58
C SER B 275 3.89 -1.47 6.56
N THR B 276 3.11 -2.54 6.46
CA THR B 276 1.91 -2.72 7.27
C THR B 276 1.97 -3.94 8.18
N GLU B 277 2.29 -5.12 7.64
CA GLU B 277 2.34 -6.39 8.39
C GLU B 277 3.73 -6.99 8.21
N PRO B 278 4.77 -6.32 8.71
CA PRO B 278 6.12 -6.86 8.53
C PRO B 278 6.36 -8.17 9.26
N GLN B 279 5.60 -8.46 10.32
CA GLN B 279 5.78 -9.68 11.11
C GLN B 279 4.79 -10.78 10.73
N TYR B 280 4.40 -10.84 9.46
CA TYR B 280 3.34 -11.75 9.07
C TYR B 280 3.82 -13.20 9.18
N GLN B 281 3.00 -14.06 9.79
CA GLN B 281 3.30 -15.49 9.87
C GLN B 281 2.18 -16.30 9.23
N PRO B 282 2.49 -17.14 8.24
CA PRO B 282 1.43 -17.92 7.59
C PRO B 282 0.71 -18.80 8.60
N GLY B 283 -0.63 -18.80 8.52
CA GLY B 283 -1.45 -19.68 9.31
C GLY B 283 -1.86 -20.91 8.53
N GLU B 284 -2.89 -21.60 9.06
CA GLU B 284 -3.35 -22.81 8.37
C GLU B 284 -4.17 -22.49 7.14
N ASN B 285 -4.80 -21.32 7.07
CA ASN B 285 -5.55 -20.88 5.90
C ASN B 285 -5.07 -19.56 5.33
N LEU B 286 -4.65 -18.62 6.16
CA LEU B 286 -4.15 -17.34 5.66
C LEU B 286 -2.73 -17.02 6.20
#